data_9QPU
#
_entry.id   9QPU
#
_cell.length_a   155.062
_cell.length_b   155.062
_cell.length_c   127.645
_cell.angle_alpha   90.000
_cell.angle_beta   90.000
_cell.angle_gamma   90.000
#
_symmetry.space_group_name_H-M   'I 4 2 2'
#
loop_
_entity.id
_entity.type
_entity.pdbx_description
1 polymer Cholinesterase
2 branched alpha-L-fucopyranose-(1-6)-2-acetamido-2-deoxy-beta-D-glucopyranose
3 branched 2-acetamido-2-deoxy-beta-D-glucopyranose-(1-4)-[alpha-L-fucopyranose-(1-6)]2-acetamido-2-deoxy-beta-D-glucopyranose
4 non-polymer 2-acetamido-2-deoxy-beta-D-glucopyranose
5 non-polymer 2-[(3-carboxy-4-nitro-phenyl)disulfanyl]ethyl-trimethyl-azanium
6 non-polymer '2-(TRIMETHYLAMMONIUM)ETHYL THIOL'
7 non-polymer GLYCEROL
8 non-polymer 'ACETATE ION'
9 non-polymer 'SULFATE ION'
10 non-polymer 'SODIUM ION'
11 water water
#
_entity_poly.entity_id   1
_entity_poly.type   'polypeptide(L)'
_entity_poly.pdbx_seq_one_letter_code
;EDDIIIATKNGKVRGMQLTVFGGTVTAFLGIPYAQPPLGRLRFKKPQSLTKWSDIWNATKYANSCCQNIDQSFPGFHGSE
MWNPNTDLSEDCLYLNVWIPAPKPKNATVLIWIYGGGFQTGTSSLHVYDGKFLARVERVIVVSMNYRVGALGFLALPGNP
EAPGNMGLFDQQLALQWVQKNIAAFGGNPKSVTLFGESAGAASVSLHLLSPGSHSLFTRAILQSGSFNAPWAVTSLYEAR
NRTLNLAKLTGCSRENETEIIKCLRNKDPQEILLNEAFVVPYGTPLSVNFGPTVDGDFLTDMPDILLELGQFKKTQILVG
VNKDEGTAFLVYGAPGFSKDNNSIITRKEFQEGLKIFFPGVSEFGKESILFHYTDWVDDQRPENYREALGDVVGDYNFIC
PALEFTKKFSEWGNNAFFYYFEHRSSKLPWPEWMGVMHGYEIEFVFGLPLERRDQYTKAEEILSRSIVKRWANFAKYGNP
QETQNQSTSWPVFKSTEQKYLTLNTESTRIMTKLRAQQCRFWTSFFPKV
;
_entity_poly.pdbx_strand_id   A
#
# COMPACT_ATOMS: atom_id res chain seq x y z
N ASP A 3 -1.93 -20.80 28.09
CA ASP A 3 -2.82 -21.01 26.95
C ASP A 3 -3.94 -19.97 26.93
N ILE A 4 -4.23 -19.41 25.77
CA ILE A 4 -5.30 -18.41 25.65
C ILE A 4 -6.10 -18.68 24.38
N ILE A 5 -7.39 -18.92 24.55
CA ILE A 5 -8.29 -19.27 23.46
C ILE A 5 -9.43 -18.25 23.38
N ILE A 6 -9.76 -17.83 22.17
CA ILE A 6 -10.82 -16.86 21.95
C ILE A 6 -11.92 -17.51 21.12
N ALA A 7 -13.16 -17.41 21.61
CA ALA A 7 -14.29 -17.88 20.85
C ALA A 7 -14.66 -16.82 19.82
N THR A 8 -14.71 -17.21 18.54
CA THR A 8 -15.16 -16.35 17.46
C THR A 8 -16.50 -16.83 16.94
N LYS A 9 -17.09 -16.04 16.04
CA LYS A 9 -18.39 -16.43 15.49
C LYS A 9 -18.31 -17.69 14.64
N ASN A 10 -17.14 -18.06 14.16
CA ASN A 10 -16.97 -19.26 13.35
C ASN A 10 -16.31 -20.41 14.11
N GLY A 11 -15.90 -20.20 15.35
CA GLY A 11 -15.28 -21.26 16.11
C GLY A 11 -14.20 -20.70 17.01
N LYS A 12 -13.56 -21.59 17.78
CA LYS A 12 -12.51 -21.19 18.69
C LYS A 12 -11.16 -21.13 17.98
N VAL A 13 -10.31 -20.20 18.42
CA VAL A 13 -8.95 -20.07 17.90
C VAL A 13 -7.98 -19.99 19.09
N ARG A 14 -6.84 -20.65 18.96
CA ARG A 14 -5.78 -20.61 19.96
C ARG A 14 -4.64 -19.70 19.48
N GLY A 15 -4.14 -18.86 20.38
CA GLY A 15 -3.06 -17.95 20.07
C GLY A 15 -1.75 -18.33 20.74
N MET A 16 -0.80 -17.40 20.69
CA MET A 16 0.51 -17.60 21.29
C MET A 16 0.94 -16.34 22.01
N GLN A 17 1.80 -16.53 23.01
CA GLN A 17 2.31 -15.45 23.84
C GLN A 17 3.69 -15.02 23.36
N LEU A 18 3.91 -13.71 23.30
CA LEU A 18 5.17 -13.18 22.85
C LEU A 18 5.71 -12.25 23.92
N THR A 19 7.00 -12.37 24.23
CA THR A 19 7.63 -11.40 25.10
C THR A 19 8.16 -10.27 24.25
N VAL A 20 7.64 -9.07 24.47
CA VAL A 20 8.08 -7.86 23.79
C VAL A 20 8.38 -6.84 24.87
N PHE A 21 9.64 -6.40 24.93
CA PHE A 21 10.05 -5.30 25.80
C PHE A 21 9.61 -5.55 27.25
N GLY A 22 9.86 -6.76 27.74
CA GLY A 22 9.50 -7.08 29.10
C GLY A 22 8.03 -7.21 29.37
N GLY A 23 7.19 -7.23 28.34
CA GLY A 23 5.78 -7.46 28.53
C GLY A 23 5.29 -8.60 27.66
N THR A 24 3.98 -8.74 27.50
CA THR A 24 3.44 -9.86 26.73
C THR A 24 2.45 -9.34 25.69
N VAL A 25 2.56 -9.88 24.48
CA VAL A 25 1.58 -9.66 23.44
C VAL A 25 1.04 -11.03 23.03
N THR A 26 -0.26 -11.11 22.78
CA THR A 26 -0.86 -12.34 22.29
C THR A 26 -1.08 -12.21 20.78
N ALA A 27 -0.54 -13.18 20.04
CA ALA A 27 -0.58 -13.18 18.59
C ALA A 27 -1.47 -14.31 18.11
N PHE A 28 -2.44 -13.97 17.27
CA PHE A 28 -3.24 -14.96 16.54
C PHE A 28 -2.83 -14.82 15.08
N LEU A 29 -1.99 -15.74 14.61
CA LEU A 29 -1.45 -15.69 13.24
C LEU A 29 -2.17 -16.72 12.37
N GLY A 30 -2.69 -16.27 11.24
CA GLY A 30 -3.33 -17.14 10.27
C GLY A 30 -4.75 -17.58 10.57
N ILE A 31 -5.64 -16.63 10.92
CA ILE A 31 -7.05 -16.95 11.11
C ILE A 31 -7.72 -16.84 9.75
N PRO A 32 -8.42 -17.86 9.29
CA PRO A 32 -9.11 -17.75 8.00
C PRO A 32 -10.29 -16.80 8.13
N TYR A 33 -10.52 -16.01 7.09
CA TYR A 33 -11.69 -15.13 7.06
C TYR A 33 -12.60 -15.37 5.85
N ALA A 34 -12.38 -16.44 5.09
CA ALA A 34 -13.18 -16.73 3.91
C ALA A 34 -13.00 -18.18 3.51
N GLN A 35 -13.91 -18.68 2.70
CA GLN A 35 -13.65 -19.95 2.06
C GLN A 35 -12.50 -19.79 1.07
N PRO A 36 -11.55 -20.72 1.06
CA PRO A 36 -10.45 -20.66 0.10
C PRO A 36 -10.99 -20.57 -1.32
N PRO A 37 -10.48 -19.62 -2.12
CA PRO A 37 -11.05 -19.37 -3.45
C PRO A 37 -10.44 -20.28 -4.51
N LEU A 38 -10.66 -21.58 -4.35
CA LEU A 38 -10.09 -22.62 -5.20
C LEU A 38 -11.16 -23.19 -6.11
N GLY A 39 -10.72 -23.92 -7.14
CA GLY A 39 -11.65 -24.65 -7.99
C GLY A 39 -12.56 -23.69 -8.75
N ARG A 40 -13.87 -23.91 -8.66
CA ARG A 40 -14.82 -23.00 -9.31
C ARG A 40 -14.86 -21.62 -8.66
N LEU A 41 -14.23 -21.44 -7.49
CA LEU A 41 -14.20 -20.15 -6.79
C LEU A 41 -13.05 -19.25 -7.23
N ARG A 42 -12.13 -19.73 -8.07
CA ARG A 42 -11.09 -18.85 -8.57
C ARG A 42 -11.71 -17.73 -9.40
N PHE A 43 -11.28 -16.50 -9.14
CA PHE A 43 -11.68 -15.24 -9.76
C PHE A 43 -12.97 -14.68 -9.17
N LYS A 44 -13.73 -15.43 -8.39
CA LYS A 44 -14.98 -14.91 -7.85
C LYS A 44 -14.74 -14.16 -6.54
N LYS A 45 -15.74 -13.37 -6.15
CA LYS A 45 -15.69 -12.68 -4.87
C LYS A 45 -15.57 -13.72 -3.75
N PRO A 46 -15.03 -13.33 -2.60
CA PRO A 46 -14.83 -14.30 -1.52
C PRO A 46 -16.15 -14.70 -0.89
N GLN A 47 -16.27 -15.98 -0.58
CA GLN A 47 -17.45 -16.53 0.07
C GLN A 47 -17.23 -16.61 1.58
N SER A 48 -18.33 -16.49 2.33
CA SER A 48 -18.25 -16.34 3.78
C SER A 48 -17.91 -17.67 4.44
N LEU A 49 -17.04 -17.61 5.45
CA LEU A 49 -16.48 -18.83 6.02
C LEU A 49 -17.54 -19.65 6.76
N THR A 50 -17.45 -20.97 6.60
CA THR A 50 -18.30 -21.91 7.31
C THR A 50 -17.70 -22.23 8.67
N LYS A 51 -18.57 -22.34 9.67
CA LYS A 51 -18.14 -22.61 11.04
C LYS A 51 -17.27 -23.86 11.13
N TRP A 52 -16.33 -23.83 12.07
CA TRP A 52 -15.65 -25.03 12.52
C TRP A 52 -15.94 -25.25 14.01
N SER A 53 -15.67 -26.46 14.48
CA SER A 53 -15.98 -26.82 15.86
C SER A 53 -14.75 -27.27 16.63
N ASP A 54 -13.57 -27.24 16.03
CA ASP A 54 -12.33 -27.54 16.72
C ASP A 54 -11.75 -26.25 17.29
N ILE A 55 -10.49 -26.30 17.71
CA ILE A 55 -9.74 -25.11 18.07
C ILE A 55 -8.77 -24.85 16.93
N TRP A 56 -9.03 -23.84 16.12
CA TRP A 56 -8.06 -23.45 15.11
C TRP A 56 -6.79 -22.95 15.79
N ASN A 57 -5.67 -23.58 15.48
CA ASN A 57 -4.37 -23.13 15.99
C ASN A 57 -3.89 -21.99 15.11
N ALA A 58 -4.09 -20.75 15.58
CA ALA A 58 -3.58 -19.57 14.89
C ALA A 58 -2.16 -19.28 15.38
N THR A 59 -1.28 -20.22 15.05
CA THR A 59 0.04 -20.32 15.63
C THR A 59 1.16 -20.04 14.65
N LYS A 60 0.87 -19.90 13.37
CA LYS A 60 1.88 -19.57 12.39
C LYS A 60 1.23 -18.73 11.30
N TYR A 61 2.02 -17.82 10.74
CA TYR A 61 1.58 -17.11 9.55
C TYR A 61 1.07 -18.12 8.54
N ALA A 62 0.01 -17.74 7.82
CA ALA A 62 -0.59 -18.62 6.83
C ALA A 62 0.15 -18.53 5.50
N ASN A 63 -0.31 -19.32 4.52
CA ASN A 63 0.17 -19.17 3.14
C ASN A 63 0.03 -17.74 2.64
N SER A 64 0.99 -17.30 1.83
CA SER A 64 0.83 -16.07 1.05
C SER A 64 0.14 -16.38 -0.27
N CYS A 65 -0.58 -15.38 -0.81
CA CYS A 65 -1.27 -15.56 -2.08
C CYS A 65 -0.28 -15.68 -3.25
N CYS A 66 -0.67 -16.47 -4.25
CA CYS A 66 0.10 -16.64 -5.48
C CYS A 66 0.54 -15.30 -6.07
N GLN A 67 1.77 -15.25 -6.58
CA GLN A 67 2.33 -14.00 -7.07
C GLN A 67 3.70 -14.20 -7.71
N ASN A 68 4.07 -13.32 -8.64
CA ASN A 68 5.44 -13.34 -9.12
C ASN A 68 6.37 -12.71 -8.09
N ILE A 69 7.64 -13.09 -8.14
CA ILE A 69 8.62 -12.66 -7.14
C ILE A 69 9.69 -11.82 -7.82
N ASP A 70 10.14 -10.77 -7.13
CA ASP A 70 11.27 -9.97 -7.56
C ASP A 70 12.55 -10.81 -7.46
N GLN A 71 13.08 -11.24 -8.62
CA GLN A 71 14.31 -12.02 -8.69
C GLN A 71 15.44 -11.25 -9.36
N SER A 72 15.37 -9.92 -9.38
CA SER A 72 16.40 -9.11 -10.02
C SER A 72 17.70 -9.03 -9.22
N PHE A 73 17.65 -9.13 -7.88
CA PHE A 73 18.88 -9.12 -7.06
C PHE A 73 18.88 -10.29 -6.09
N PRO A 74 19.07 -11.50 -6.60
CA PRO A 74 19.18 -12.67 -5.72
C PRO A 74 20.23 -12.45 -4.62
N GLY A 75 19.83 -12.76 -3.38
CA GLY A 75 20.71 -12.69 -2.24
C GLY A 75 20.84 -11.31 -1.62
N PHE A 76 20.13 -10.32 -2.14
CA PHE A 76 20.26 -8.94 -1.68
C PHE A 76 19.06 -8.62 -0.82
N HIS A 77 19.31 -8.35 0.46
CA HIS A 77 18.23 -8.13 1.42
C HIS A 77 17.40 -6.90 1.08
N GLY A 78 17.97 -5.93 0.36
CA GLY A 78 17.20 -4.76 -0.02
C GLY A 78 16.02 -5.06 -0.93
N SER A 79 16.16 -6.07 -1.80
CA SER A 79 14.99 -6.47 -2.56
C SER A 79 14.29 -7.67 -1.93
N GLU A 80 15.04 -8.60 -1.35
CA GLU A 80 14.38 -9.83 -0.92
C GLU A 80 13.55 -9.65 0.35
N MET A 81 13.77 -8.59 1.14
CA MET A 81 12.92 -8.34 2.30
C MET A 81 11.46 -8.11 1.93
N TRP A 82 11.17 -7.81 0.66
CA TRP A 82 9.80 -7.60 0.18
C TRP A 82 9.17 -8.86 -0.42
N ASN A 83 9.96 -9.90 -0.67
CA ASN A 83 9.44 -11.13 -1.23
C ASN A 83 8.70 -11.95 -0.18
N PRO A 84 7.75 -12.79 -0.60
CA PRO A 84 6.96 -13.55 0.38
C PRO A 84 7.85 -14.40 1.27
N ASN A 85 7.53 -14.43 2.56
CA ASN A 85 8.22 -15.28 3.52
C ASN A 85 7.35 -16.44 4.02
N THR A 86 6.27 -16.77 3.32
CA THR A 86 5.58 -18.04 3.53
C THR A 86 5.28 -18.67 2.18
N ASP A 87 4.84 -19.93 2.20
CA ASP A 87 4.46 -20.63 0.99
C ASP A 87 3.43 -19.85 0.19
N LEU A 88 3.56 -19.94 -1.13
CA LEU A 88 2.55 -19.41 -2.03
C LEU A 88 1.47 -20.46 -2.27
N SER A 89 0.22 -20.00 -2.27
CA SER A 89 -0.92 -20.87 -2.44
C SER A 89 -2.10 -20.01 -2.84
N GLU A 90 -3.01 -20.57 -3.64
CA GLU A 90 -4.28 -19.87 -3.84
C GLU A 90 -5.11 -19.85 -2.56
N ASP A 91 -4.87 -20.82 -1.67
CA ASP A 91 -5.49 -20.88 -0.36
C ASP A 91 -4.73 -19.93 0.55
N CYS A 92 -5.14 -18.67 0.59
CA CYS A 92 -4.35 -17.66 1.27
C CYS A 92 -5.18 -16.59 1.98
N LEU A 93 -6.51 -16.72 2.01
CA LEU A 93 -7.36 -15.69 2.63
C LEU A 93 -7.37 -15.91 4.14
N TYR A 94 -6.39 -15.28 4.80
CA TYR A 94 -6.20 -15.37 6.25
C TYR A 94 -5.73 -14.03 6.77
N LEU A 95 -5.91 -13.83 8.08
CA LEU A 95 -5.53 -12.58 8.73
C LEU A 95 -4.85 -12.88 10.08
N ASN A 96 -4.21 -11.84 10.64
CA ASN A 96 -3.49 -11.93 11.91
C ASN A 96 -4.00 -10.89 12.90
N VAL A 97 -3.98 -11.24 14.19
CA VAL A 97 -4.39 -10.33 15.25
C VAL A 97 -3.31 -10.31 16.33
N TRP A 98 -2.82 -9.12 16.65
CA TRP A 98 -1.99 -8.92 17.83
C TRP A 98 -2.80 -8.13 18.84
N ILE A 99 -2.94 -8.65 20.05
CA ILE A 99 -3.61 -7.91 21.11
C ILE A 99 -2.68 -7.79 22.31
N PRO A 100 -2.78 -6.71 23.10
CA PRO A 100 -1.90 -6.60 24.27
C PRO A 100 -2.28 -7.62 25.32
N ALA A 101 -1.31 -7.97 26.14
CA ALA A 101 -1.60 -8.72 27.33
C ALA A 101 -1.41 -7.82 28.52
N PRO A 102 -2.34 -7.80 29.48
CA PRO A 102 -3.61 -8.54 29.50
C PRO A 102 -4.57 -8.02 28.46
N LYS A 103 -5.48 -8.90 28.02
CA LYS A 103 -6.54 -8.63 27.05
C LYS A 103 -7.16 -7.27 27.35
N PRO A 104 -7.12 -6.33 26.41
CA PRO A 104 -7.59 -4.99 26.70
C PRO A 104 -9.10 -4.97 26.84
N LYS A 105 -9.66 -3.81 27.15
CA LYS A 105 -11.10 -3.76 27.35
C LYS A 105 -11.83 -3.19 26.15
N ASN A 106 -11.30 -2.16 25.50
CA ASN A 106 -12.01 -1.59 24.38
C ASN A 106 -11.01 -0.90 23.46
N ALA A 107 -10.06 -1.67 22.93
CA ALA A 107 -8.89 -1.09 22.29
C ALA A 107 -9.20 -0.60 20.88
N THR A 108 -8.62 0.55 20.54
CA THR A 108 -8.58 0.98 19.15
C THR A 108 -7.86 -0.06 18.32
N VAL A 109 -8.40 -0.32 17.12
CA VAL A 109 -7.87 -1.33 16.21
C VAL A 109 -7.20 -0.65 15.02
N LEU A 110 -6.05 -1.17 14.62
N LEU A 110 -6.03 -1.13 14.66
CA LEU A 110 -5.36 -0.70 13.43
CA LEU A 110 -5.34 -0.74 13.44
C LEU A 110 -5.24 -1.83 12.42
C LEU A 110 -5.38 -1.90 12.46
N ILE A 111 -5.79 -1.62 11.23
CA ILE A 111 -5.85 -2.66 10.19
C ILE A 111 -4.89 -2.33 9.07
N TRP A 112 -3.82 -3.13 8.97
CA TRP A 112 -2.78 -2.94 7.96
C TRP A 112 -3.17 -3.59 6.63
N ILE A 113 -3.06 -2.84 5.54
CA ILE A 113 -3.21 -3.37 4.17
C ILE A 113 -1.89 -3.16 3.45
N TYR A 114 -1.20 -4.26 3.12
CA TYR A 114 0.14 -4.16 2.51
C TYR A 114 0.07 -3.71 1.04
N GLY A 115 1.18 -3.14 0.58
CA GLY A 115 1.36 -2.79 -0.81
C GLY A 115 2.08 -3.88 -1.60
N GLY A 116 2.63 -3.48 -2.73
CA GLY A 116 3.17 -4.46 -3.66
C GLY A 116 2.53 -4.37 -5.02
N GLY A 117 1.99 -3.20 -5.35
CA GLY A 117 1.56 -2.94 -6.71
C GLY A 117 0.32 -3.68 -7.17
N PHE A 118 -0.44 -4.27 -6.25
CA PHE A 118 -1.54 -5.20 -6.53
C PHE A 118 -1.09 -6.47 -7.23
N GLN A 119 0.22 -6.65 -7.42
CA GLN A 119 0.79 -7.87 -7.99
C GLN A 119 1.50 -8.74 -6.96
N THR A 120 1.98 -8.14 -5.86
CA THR A 120 2.83 -8.84 -4.89
C THR A 120 2.43 -8.40 -3.49
N GLY A 121 3.04 -9.03 -2.48
CA GLY A 121 2.85 -8.61 -1.11
C GLY A 121 2.34 -9.71 -0.19
N THR A 122 2.60 -9.59 1.11
CA THR A 122 2.06 -10.54 2.06
C THR A 122 2.07 -9.89 3.44
N SER A 123 1.11 -10.28 4.29
CA SER A 123 1.01 -9.69 5.61
C SER A 123 2.13 -10.16 6.54
N SER A 124 2.79 -11.27 6.22
CA SER A 124 3.73 -11.89 7.13
C SER A 124 5.13 -11.25 7.09
N LEU A 125 5.34 -10.17 6.33
CA LEU A 125 6.67 -9.60 6.24
C LEU A 125 7.11 -9.07 7.59
N HIS A 126 8.43 -9.09 7.79
CA HIS A 126 9.01 -8.70 9.07
C HIS A 126 8.72 -7.24 9.39
N VAL A 127 8.62 -6.38 8.36
CA VAL A 127 8.37 -4.96 8.60
C VAL A 127 6.90 -4.67 8.86
N TYR A 128 6.03 -5.68 8.79
CA TYR A 128 4.60 -5.51 9.10
C TYR A 128 4.21 -6.18 10.41
N ASP A 129 5.18 -6.49 11.26
CA ASP A 129 4.94 -7.20 12.51
C ASP A 129 4.27 -6.27 13.52
N GLY A 130 3.00 -6.52 13.83
CA GLY A 130 2.25 -5.64 14.68
C GLY A 130 2.48 -5.78 16.18
N LYS A 131 3.45 -6.59 16.61
CA LYS A 131 3.59 -6.83 18.04
C LYS A 131 4.11 -5.61 18.78
N PHE A 132 4.93 -4.77 18.13
CA PHE A 132 5.46 -3.61 18.83
C PHE A 132 4.35 -2.61 19.12
N LEU A 133 3.52 -2.32 18.11
CA LEU A 133 2.37 -1.45 18.29
C LEU A 133 1.43 -1.97 19.37
N ALA A 134 1.22 -3.29 19.41
CA ALA A 134 0.36 -3.85 20.44
C ALA A 134 0.97 -3.65 21.82
N ARG A 135 2.29 -3.88 21.94
CA ARG A 135 2.95 -3.79 23.23
C ARG A 135 3.01 -2.34 23.72
N VAL A 136 3.35 -1.41 22.84
CA VAL A 136 3.73 -0.07 23.24
C VAL A 136 2.51 0.85 23.37
N GLU A 137 1.59 0.82 22.41
CA GLU A 137 0.44 1.71 22.36
C GLU A 137 -0.86 1.05 22.81
N ARG A 138 -0.83 -0.23 23.16
CA ARG A 138 -2.02 -0.99 23.56
C ARG A 138 -3.12 -0.91 22.51
N VAL A 139 -2.76 -0.89 21.25
CA VAL A 139 -3.74 -1.06 20.18
C VAL A 139 -3.75 -2.52 19.75
N ILE A 140 -4.83 -2.92 19.11
CA ILE A 140 -4.88 -4.20 18.41
C ILE A 140 -4.53 -3.97 16.95
N VAL A 141 -3.61 -4.77 16.42
CA VAL A 141 -3.20 -4.68 15.02
C VAL A 141 -3.74 -5.90 14.28
N VAL A 142 -4.49 -5.65 13.22
CA VAL A 142 -4.97 -6.69 12.32
C VAL A 142 -4.30 -6.47 10.97
N SER A 143 -3.90 -7.56 10.33
CA SER A 143 -3.43 -7.52 8.95
C SER A 143 -3.96 -8.74 8.22
N MET A 144 -4.22 -8.60 6.92
CA MET A 144 -4.80 -9.68 6.14
C MET A 144 -4.02 -9.89 4.84
N ASN A 145 -4.03 -11.14 4.37
CA ASN A 145 -3.64 -11.44 2.99
C ASN A 145 -4.85 -11.27 2.07
N TYR A 146 -4.60 -10.75 0.87
CA TYR A 146 -5.64 -10.55 -0.12
C TYR A 146 -5.05 -10.90 -1.47
N ARG A 147 -5.91 -11.39 -2.37
CA ARG A 147 -5.43 -11.84 -3.67
C ARG A 147 -4.88 -10.70 -4.51
N VAL A 148 -3.82 -11.00 -5.25
CA VAL A 148 -3.11 -10.05 -6.09
C VAL A 148 -3.02 -10.59 -7.51
N GLY A 149 -2.54 -9.74 -8.41
CA GLY A 149 -2.31 -10.13 -9.78
C GLY A 149 -3.63 -10.41 -10.49
N ALA A 150 -3.56 -11.23 -11.52
CA ALA A 150 -4.79 -11.58 -12.23
C ALA A 150 -5.72 -12.37 -11.33
N LEU A 151 -5.19 -13.16 -10.39
CA LEU A 151 -6.06 -13.92 -9.53
C LEU A 151 -6.85 -13.00 -8.60
N GLY A 152 -6.34 -11.80 -8.37
CA GLY A 152 -6.98 -10.82 -7.53
C GLY A 152 -7.80 -9.78 -8.29
N PHE A 153 -7.51 -9.55 -9.58
CA PHE A 153 -8.12 -8.41 -10.26
C PHE A 153 -8.50 -8.63 -11.73
N LEU A 154 -8.46 -9.87 -12.22
CA LEU A 154 -9.01 -10.17 -13.55
C LEU A 154 -10.41 -9.60 -13.65
N ALA A 155 -10.73 -9.01 -14.80
CA ALA A 155 -11.97 -8.26 -14.92
C ALA A 155 -12.63 -8.53 -16.27
N LEU A 156 -13.83 -9.09 -16.21
CA LEU A 156 -14.77 -9.00 -17.32
C LEU A 156 -15.98 -8.21 -16.82
N PRO A 157 -16.23 -7.00 -17.34
CA PRO A 157 -17.31 -6.15 -16.83
C PRO A 157 -18.64 -6.85 -16.56
N GLY A 158 -19.14 -6.67 -15.34
CA GLY A 158 -20.45 -7.14 -14.97
C GLY A 158 -20.60 -8.64 -14.95
N ASN A 159 -19.50 -9.38 -15.13
CA ASN A 159 -19.53 -10.84 -15.20
C ASN A 159 -19.17 -11.41 -13.83
N PRO A 160 -20.08 -12.06 -13.11
CA PRO A 160 -19.75 -12.52 -11.75
C PRO A 160 -18.74 -13.65 -11.71
N GLU A 161 -18.41 -14.26 -12.85
CA GLU A 161 -17.33 -15.26 -12.88
C GLU A 161 -15.97 -14.61 -12.76
N ALA A 162 -15.84 -13.35 -13.15
CA ALA A 162 -14.62 -12.58 -13.00
C ALA A 162 -14.96 -11.10 -13.04
N PRO A 163 -15.57 -10.56 -11.98
CA PRO A 163 -16.10 -9.20 -12.03
C PRO A 163 -15.05 -8.12 -11.82
N GLY A 164 -13.85 -8.48 -11.40
CA GLY A 164 -12.83 -7.52 -11.02
C GLY A 164 -12.89 -7.18 -9.54
N ASN A 165 -11.79 -6.61 -9.04
CA ASN A 165 -11.69 -6.08 -7.68
C ASN A 165 -11.80 -7.14 -6.58
N MET A 166 -11.64 -8.41 -6.91
CA MET A 166 -11.77 -9.45 -5.88
C MET A 166 -10.81 -9.21 -4.71
N GLY A 167 -9.59 -8.73 -5.00
CA GLY A 167 -8.66 -8.42 -3.92
C GLY A 167 -9.19 -7.35 -2.97
N LEU A 168 -9.82 -6.30 -3.52
CA LEU A 168 -10.47 -5.31 -2.68
C LEU A 168 -11.60 -5.93 -1.88
N PHE A 169 -12.36 -6.84 -2.49
CA PHE A 169 -13.41 -7.51 -1.71
C PHE A 169 -12.84 -8.45 -0.67
N ASP A 170 -11.68 -9.08 -0.95
CA ASP A 170 -10.98 -9.82 0.08
C ASP A 170 -10.74 -8.93 1.31
N GLN A 171 -10.09 -7.78 1.09
CA GLN A 171 -9.89 -6.82 2.18
C GLN A 171 -11.21 -6.51 2.88
N GLN A 172 -12.26 -6.26 2.11
CA GLN A 172 -13.50 -5.81 2.73
C GLN A 172 -14.14 -6.90 3.58
N LEU A 173 -13.96 -8.17 3.22
CA LEU A 173 -14.50 -9.22 4.05
C LEU A 173 -13.69 -9.38 5.34
N ALA A 174 -12.38 -9.10 5.29
CA ALA A 174 -11.58 -9.04 6.50
C ALA A 174 -12.05 -7.93 7.42
N LEU A 175 -12.22 -6.72 6.89
CA LEU A 175 -12.78 -5.63 7.70
C LEU A 175 -14.09 -6.04 8.35
N GLN A 176 -14.93 -6.78 7.62
CA GLN A 176 -16.19 -7.26 8.18
C GLN A 176 -15.94 -8.21 9.33
N TRP A 177 -15.05 -9.18 9.12
CA TRP A 177 -14.64 -10.10 10.18
C TRP A 177 -14.25 -9.33 11.43
N VAL A 178 -13.50 -8.24 11.28
CA VAL A 178 -13.12 -7.44 12.43
C VAL A 178 -14.35 -6.87 13.10
N GLN A 179 -15.34 -6.41 12.31
CA GLN A 179 -16.55 -5.84 12.88
C GLN A 179 -17.32 -6.87 13.71
N LYS A 180 -17.35 -8.13 13.26
CA LYS A 180 -18.14 -9.14 13.96
C LYS A 180 -17.38 -9.87 15.06
N ASN A 181 -16.05 -9.75 15.14
CA ASN A 181 -15.27 -10.62 16.00
C ASN A 181 -14.31 -9.91 16.94
N ILE A 182 -13.92 -8.66 16.68
CA ILE A 182 -12.77 -8.13 17.39
C ILE A 182 -13.10 -7.79 18.84
N ALA A 183 -14.38 -7.62 19.17
CA ALA A 183 -14.74 -7.39 20.56
C ALA A 183 -14.46 -8.60 21.43
N ALA A 184 -14.39 -9.81 20.84
CA ALA A 184 -14.02 -10.97 21.63
C ALA A 184 -12.55 -10.90 22.02
N PHE A 185 -11.76 -10.21 21.21
CA PHE A 185 -10.34 -9.98 21.45
C PHE A 185 -10.07 -8.71 22.25
N GLY A 186 -11.13 -8.03 22.73
CA GLY A 186 -10.94 -6.81 23.47
C GLY A 186 -10.82 -5.57 22.63
N GLY A 187 -11.22 -5.63 21.36
CA GLY A 187 -11.11 -4.50 20.46
C GLY A 187 -12.42 -3.74 20.36
N ASN A 188 -12.31 -2.49 19.94
CA ASN A 188 -13.47 -1.63 19.78
C ASN A 188 -13.87 -1.55 18.31
N PRO A 189 -14.91 -2.27 17.87
CA PRO A 189 -15.31 -2.22 16.46
C PRO A 189 -15.72 -0.83 16.01
N LYS A 190 -16.00 0.07 16.94
CA LYS A 190 -16.26 1.46 16.60
C LYS A 190 -14.99 2.30 16.56
N SER A 191 -13.81 1.72 16.79
CA SER A 191 -12.56 2.48 16.74
C SER A 191 -11.56 1.70 15.90
N VAL A 192 -11.76 1.74 14.58
CA VAL A 192 -10.98 0.98 13.60
C VAL A 192 -10.35 1.97 12.64
N THR A 193 -9.01 1.95 12.54
CA THR A 193 -8.29 2.78 11.59
C THR A 193 -7.57 1.91 10.56
N LEU A 194 -7.82 2.19 9.28
CA LEU A 194 -7.11 1.50 8.21
C LEU A 194 -5.80 2.21 7.95
N PHE A 195 -4.73 1.44 7.75
CA PHE A 195 -3.49 2.03 7.27
C PHE A 195 -2.82 1.05 6.33
N GLY A 196 -2.11 1.60 5.36
CA GLY A 196 -1.48 0.83 4.31
C GLY A 196 -0.46 1.71 3.64
N GLU A 197 0.42 1.06 2.87
CA GLU A 197 1.43 1.77 2.13
C GLU A 197 1.36 1.36 0.67
N SER A 198 1.62 2.32 -0.22
CA SER A 198 1.73 2.10 -1.67
C SER A 198 0.39 1.62 -2.21
N ALA A 199 0.31 0.45 -2.86
CA ALA A 199 -1.01 -0.06 -3.25
C ALA A 199 -1.92 -0.25 -2.05
N GLY A 200 -1.35 -0.60 -0.88
CA GLY A 200 -2.15 -0.63 0.33
C GLY A 200 -2.79 0.71 0.63
N ALA A 201 -2.02 1.78 0.52
CA ALA A 201 -2.57 3.13 0.69
C ALA A 201 -3.63 3.42 -0.37
N ALA A 202 -3.38 3.04 -1.63
CA ALA A 202 -4.41 3.21 -2.65
C ALA A 202 -5.65 2.39 -2.31
N SER A 203 -5.46 1.19 -1.75
CA SER A 203 -6.61 0.40 -1.29
C SER A 203 -7.40 1.13 -0.21
N VAL A 204 -6.68 1.74 0.75
CA VAL A 204 -7.36 2.50 1.80
C VAL A 204 -8.16 3.64 1.21
N SER A 205 -7.59 4.34 0.21
CA SER A 205 -8.35 5.46 -0.37
C SER A 205 -9.60 4.98 -1.09
N LEU A 206 -9.58 3.75 -1.61
CA LEU A 206 -10.76 3.22 -2.30
C LEU A 206 -11.81 2.74 -1.34
N HIS A 207 -11.42 2.29 -0.14
CA HIS A 207 -12.42 1.95 0.86
C HIS A 207 -13.17 3.19 1.31
N LEU A 208 -12.49 4.35 1.39
CA LEU A 208 -13.18 5.60 1.69
C LEU A 208 -14.21 5.94 0.63
N LEU A 209 -14.04 5.42 -0.59
CA LEU A 209 -14.96 5.67 -1.68
C LEU A 209 -16.01 4.57 -1.83
N SER A 210 -15.78 3.38 -1.29
CA SER A 210 -16.71 2.26 -1.50
C SER A 210 -17.81 2.29 -0.45
N PRO A 211 -19.08 2.33 -0.84
CA PRO A 211 -20.14 2.39 0.18
C PRO A 211 -20.18 1.16 1.05
N GLY A 212 -19.86 -0.02 0.50
CA GLY A 212 -19.86 -1.22 1.29
C GLY A 212 -18.77 -1.27 2.35
N SER A 213 -17.87 -0.29 2.34
CA SER A 213 -16.82 -0.22 3.36
C SER A 213 -17.06 0.91 4.36
N HIS A 214 -17.99 1.82 4.06
N HIS A 214 -18.01 1.80 4.10
CA HIS A 214 -18.26 2.99 4.89
CA HIS A 214 -18.15 2.99 4.91
C HIS A 214 -18.38 2.62 6.36
C HIS A 214 -18.44 2.67 6.39
N SER A 215 -19.17 1.59 6.68
CA SER A 215 -19.50 1.26 8.06
C SER A 215 -18.53 0.30 8.72
N LEU A 216 -17.43 -0.08 8.05
CA LEU A 216 -16.49 -1.07 8.56
C LEU A 216 -15.20 -0.46 9.08
N PHE A 217 -15.11 0.87 9.18
CA PHE A 217 -13.93 1.51 9.74
C PHE A 217 -14.26 2.95 10.09
N THR A 218 -13.37 3.56 10.87
CA THR A 218 -13.57 4.91 11.38
C THR A 218 -12.71 5.95 10.67
N ARG A 219 -11.41 5.68 10.55
CA ARG A 219 -10.43 6.64 10.03
C ARG A 219 -9.46 5.92 9.10
N ALA A 220 -8.62 6.71 8.43
CA ALA A 220 -7.74 6.17 7.39
C ALA A 220 -6.40 6.88 7.36
N ILE A 221 -5.35 6.08 7.13
CA ILE A 221 -3.97 6.52 7.03
C ILE A 221 -3.41 6.04 5.70
N LEU A 222 -2.86 6.94 4.90
CA LEU A 222 -2.36 6.61 3.55
C LEU A 222 -0.89 7.00 3.40
N GLN A 223 0.00 6.01 3.45
CA GLN A 223 1.43 6.20 3.31
C GLN A 223 1.85 5.94 1.86
N SER A 224 2.38 6.96 1.17
CA SER A 224 2.94 6.83 -0.19
C SER A 224 1.97 6.17 -1.18
N GLY A 225 0.74 6.66 -1.25
CA GLY A 225 -0.21 6.02 -2.16
C GLY A 225 -1.63 6.55 -2.09
N SER A 226 -2.33 6.59 -3.23
CA SER A 226 -3.73 7.01 -3.29
C SER A 226 -4.29 6.56 -4.64
N PHE A 227 -5.62 6.45 -4.71
CA PHE A 227 -6.26 5.84 -5.88
C PHE A 227 -6.03 6.68 -7.14
N ASN A 228 -5.82 7.98 -7.00
CA ASN A 228 -5.63 8.83 -8.18
C ASN A 228 -4.21 8.80 -8.68
N ALA A 229 -3.33 7.98 -8.08
CA ALA A 229 -2.03 7.73 -8.67
C ALA A 229 -2.17 7.04 -10.01
N PRO A 230 -1.31 7.34 -10.98
CA PRO A 230 -1.55 6.87 -12.36
C PRO A 230 -1.54 5.35 -12.50
N TRP A 231 -0.88 4.63 -11.58
CA TRP A 231 -0.80 3.17 -11.61
C TRP A 231 -1.97 2.49 -10.91
N ALA A 232 -2.83 3.26 -10.24
CA ALA A 232 -3.71 2.66 -9.22
C ALA A 232 -5.00 2.07 -9.77
N VAL A 233 -5.62 2.69 -10.78
CA VAL A 233 -6.92 2.23 -11.28
C VAL A 233 -6.82 2.03 -12.79
N THR A 234 -7.40 0.92 -13.26
CA THR A 234 -7.45 0.59 -14.68
C THR A 234 -8.85 0.90 -15.22
N SER A 235 -8.91 1.38 -16.46
CA SER A 235 -10.21 1.60 -17.08
C SER A 235 -10.84 0.27 -17.45
N LEU A 236 -12.17 0.24 -17.45
CA LEU A 236 -12.87 -0.98 -17.87
C LEU A 236 -12.43 -1.42 -19.25
N TYR A 237 -12.07 -0.48 -20.12
CA TYR A 237 -11.55 -0.82 -21.44
C TYR A 237 -10.32 -1.72 -21.32
N GLU A 238 -9.20 -1.19 -20.79
CA GLU A 238 -7.96 -1.97 -20.80
C GLU A 238 -8.10 -3.24 -19.98
N ALA A 239 -8.83 -3.19 -18.87
CA ALA A 239 -9.02 -4.38 -18.06
C ALA A 239 -9.61 -5.52 -18.86
N ARG A 240 -10.60 -5.22 -19.70
CA ARG A 240 -11.16 -6.27 -20.54
C ARG A 240 -10.17 -6.66 -21.63
N ASN A 241 -9.45 -5.69 -22.18
CA ASN A 241 -8.43 -6.01 -23.19
C ASN A 241 -7.36 -6.92 -22.59
N ARG A 242 -6.95 -6.64 -21.35
CA ARG A 242 -5.92 -7.45 -20.70
C ARG A 242 -6.45 -8.84 -20.36
N THR A 243 -7.69 -8.93 -19.88
CA THR A 243 -8.29 -10.23 -19.65
C THR A 243 -8.27 -11.09 -20.91
N LEU A 244 -8.58 -10.50 -22.06
CA LEU A 244 -8.61 -11.29 -23.29
C LEU A 244 -7.22 -11.62 -23.80
N ASN A 245 -6.26 -10.70 -23.65
CA ASN A 245 -4.89 -11.02 -24.02
C ASN A 245 -4.36 -12.18 -23.20
N LEU A 246 -4.68 -12.21 -21.90
CA LEU A 246 -4.32 -13.36 -21.07
C LEU A 246 -4.93 -14.66 -21.60
N ALA A 247 -6.19 -14.62 -22.03
CA ALA A 247 -6.84 -15.81 -22.55
C ALA A 247 -6.18 -16.29 -23.83
N LYS A 248 -5.75 -15.36 -24.69
CA LYS A 248 -4.99 -15.76 -25.87
C LYS A 248 -3.71 -16.48 -25.46
N LEU A 249 -2.95 -15.87 -24.54
CA LEU A 249 -1.63 -16.41 -24.16
C LEU A 249 -1.76 -17.81 -23.55
N THR A 250 -2.83 -18.06 -22.81
CA THR A 250 -3.04 -19.36 -22.20
C THR A 250 -3.84 -20.28 -23.08
N GLY A 251 -4.11 -19.90 -24.32
CA GLY A 251 -4.94 -20.71 -25.19
C GLY A 251 -6.39 -20.85 -24.75
N CYS A 252 -6.97 -19.80 -24.15
CA CYS A 252 -8.32 -19.84 -23.60
C CYS A 252 -9.28 -18.91 -24.33
N SER A 253 -8.95 -18.49 -25.55
CA SER A 253 -9.83 -17.59 -26.28
C SER A 253 -11.08 -18.35 -26.71
N ARG A 254 -12.24 -17.84 -26.32
CA ARG A 254 -13.54 -18.41 -26.66
C ARG A 254 -14.49 -17.28 -27.02
N GLU A 255 -15.57 -17.61 -27.71
CA GLU A 255 -16.55 -16.57 -28.01
C GLU A 255 -17.40 -16.25 -26.80
N ASN A 256 -18.02 -17.26 -26.20
CA ASN A 256 -18.72 -17.15 -24.93
C ASN A 256 -17.71 -16.79 -23.85
N GLU A 257 -17.82 -15.57 -23.30
CA GLU A 257 -16.84 -15.08 -22.34
C GLU A 257 -16.89 -15.83 -21.02
N THR A 258 -17.96 -16.57 -20.75
CA THR A 258 -17.95 -17.38 -19.54
C THR A 258 -17.10 -18.64 -19.73
N GLU A 259 -17.17 -19.26 -20.91
CA GLU A 259 -16.27 -20.37 -21.19
C GLU A 259 -14.81 -19.93 -21.16
N ILE A 260 -14.54 -18.66 -21.47
CA ILE A 260 -13.18 -18.14 -21.30
C ILE A 260 -12.73 -18.30 -19.85
N ILE A 261 -13.55 -17.84 -18.90
CA ILE A 261 -13.19 -17.94 -17.49
C ILE A 261 -13.09 -19.40 -17.06
N LYS A 262 -14.05 -20.22 -17.48
CA LYS A 262 -13.98 -21.64 -17.13
C LYS A 262 -12.67 -22.24 -17.61
N CYS A 263 -12.27 -21.93 -18.85
CA CYS A 263 -10.98 -22.40 -19.35
C CYS A 263 -9.84 -21.86 -18.49
N LEU A 264 -9.91 -20.58 -18.13
CA LEU A 264 -8.88 -20.00 -17.28
C LEU A 264 -8.86 -20.60 -15.89
N ARG A 265 -9.96 -21.20 -15.44
CA ARG A 265 -10.00 -21.84 -14.13
C ARG A 265 -9.38 -23.23 -14.14
N ASN A 266 -9.19 -23.83 -15.31
CA ASN A 266 -8.50 -25.12 -15.41
C ASN A 266 -7.02 -24.96 -15.69
N LYS A 267 -6.51 -23.75 -15.80
CA LYS A 267 -5.08 -23.54 -15.96
C LYS A 267 -4.41 -23.52 -14.59
N ASP A 268 -3.15 -23.97 -14.57
CA ASP A 268 -2.33 -23.91 -13.37
C ASP A 268 -1.97 -22.48 -13.03
N PRO A 269 -1.90 -22.13 -11.74
CA PRO A 269 -1.53 -20.76 -11.35
C PRO A 269 -0.24 -20.26 -11.99
N GLN A 270 0.73 -21.14 -12.22
CA GLN A 270 1.99 -20.69 -12.81
C GLN A 270 1.82 -20.25 -14.25
N GLU A 271 0.96 -20.91 -15.02
CA GLU A 271 0.77 -20.45 -16.39
C GLU A 271 0.09 -19.09 -16.44
N ILE A 272 -0.86 -18.86 -15.52
CA ILE A 272 -1.45 -17.54 -15.41
C ILE A 272 -0.38 -16.51 -15.06
N LEU A 273 0.44 -16.83 -14.04
CA LEU A 273 1.40 -15.86 -13.54
C LEU A 273 2.47 -15.55 -14.58
N LEU A 274 2.94 -16.54 -15.31
CA LEU A 274 4.03 -16.27 -16.24
C LEU A 274 3.54 -15.58 -17.51
N ASN A 275 2.26 -15.25 -17.60
CA ASN A 275 1.71 -14.53 -18.74
C ASN A 275 1.19 -13.16 -18.37
N GLU A 276 1.04 -12.86 -17.09
CA GLU A 276 0.51 -11.57 -16.64
C GLU A 276 1.30 -10.42 -17.25
N ALA A 277 2.62 -10.55 -17.33
CA ALA A 277 3.44 -9.43 -17.77
C ALA A 277 3.24 -9.09 -19.24
N PHE A 278 2.66 -9.99 -20.03
CA PHE A 278 2.54 -9.76 -21.47
C PHE A 278 1.15 -9.37 -21.92
N VAL A 279 0.19 -9.13 -21.02
CA VAL A 279 -1.12 -8.67 -21.45
C VAL A 279 -1.05 -7.22 -21.93
N VAL A 280 0.11 -6.61 -21.77
CA VAL A 280 0.36 -5.21 -22.08
C VAL A 280 1.44 -5.16 -23.16
N PRO A 281 1.34 -4.26 -24.14
CA PRO A 281 2.38 -4.20 -25.19
C PRO A 281 3.71 -3.68 -24.65
N TYR A 282 3.69 -2.50 -24.03
CA TYR A 282 4.87 -1.91 -23.41
C TYR A 282 4.55 -1.66 -21.95
N GLY A 283 5.30 -2.29 -21.05
CA GLY A 283 5.18 -2.07 -19.63
C GLY A 283 6.37 -1.31 -19.05
N THR A 284 6.27 -1.04 -17.72
CA THR A 284 7.28 -0.25 -17.02
C THR A 284 7.58 -0.89 -15.68
N PRO A 285 8.62 -0.45 -14.95
CA PRO A 285 8.81 -0.96 -13.57
C PRO A 285 7.62 -0.72 -12.66
N LEU A 286 6.75 0.24 -12.98
CA LEU A 286 5.55 0.52 -12.20
C LEU A 286 4.30 -0.10 -12.81
N SER A 287 4.44 -1.07 -13.71
CA SER A 287 3.27 -1.64 -14.36
C SER A 287 2.38 -2.35 -13.35
N VAL A 288 1.10 -2.00 -13.36
CA VAL A 288 0.08 -2.69 -12.58
C VAL A 288 -0.86 -3.35 -13.57
N ASN A 289 -0.50 -4.56 -14.00
CA ASN A 289 -1.19 -5.18 -15.12
C ASN A 289 -2.61 -5.58 -14.77
N PHE A 290 -2.86 -5.93 -13.50
CA PHE A 290 -4.18 -6.33 -13.02
C PHE A 290 -4.39 -5.63 -11.68
N GLY A 291 -5.19 -4.56 -11.70
CA GLY A 291 -5.52 -3.83 -10.49
C GLY A 291 -6.98 -3.41 -10.44
N PRO A 292 -7.32 -2.51 -9.53
CA PRO A 292 -8.72 -2.09 -9.38
C PRO A 292 -9.32 -1.54 -10.67
N THR A 293 -10.63 -1.77 -10.84
CA THR A 293 -11.40 -1.17 -11.92
C THR A 293 -12.72 -0.64 -11.40
N VAL A 294 -13.39 0.13 -12.24
CA VAL A 294 -14.76 0.52 -11.99
C VAL A 294 -15.66 -0.67 -12.29
N ASP A 295 -15.85 -1.53 -11.30
CA ASP A 295 -16.62 -2.75 -11.46
C ASP A 295 -18.14 -2.54 -11.38
N GLY A 296 -18.60 -1.37 -10.96
CA GLY A 296 -20.02 -1.21 -10.67
C GLY A 296 -20.46 -1.82 -9.36
N ASP A 297 -19.54 -2.30 -8.53
CA ASP A 297 -19.88 -2.99 -7.30
C ASP A 297 -19.10 -2.40 -6.14
N PHE A 298 -17.83 -2.78 -5.99
CA PHE A 298 -16.96 -2.05 -5.07
C PHE A 298 -16.92 -0.57 -5.45
N LEU A 299 -16.81 -0.28 -6.74
CA LEU A 299 -16.69 1.09 -7.25
C LEU A 299 -17.90 1.36 -8.15
N THR A 300 -18.74 2.29 -7.71
CA THR A 300 -20.02 2.57 -8.35
C THR A 300 -19.95 3.66 -9.40
N ASP A 301 -18.76 4.18 -9.68
CA ASP A 301 -18.53 5.28 -10.63
C ASP A 301 -17.03 5.45 -10.70
N MET A 302 -16.56 6.22 -11.69
CA MET A 302 -15.15 6.48 -11.82
C MET A 302 -14.64 7.26 -10.60
N PRO A 303 -13.58 6.80 -9.93
CA PRO A 303 -13.28 7.37 -8.61
C PRO A 303 -12.84 8.82 -8.67
N ASP A 304 -12.23 9.26 -9.76
CA ASP A 304 -11.87 10.67 -9.83
C ASP A 304 -13.12 11.55 -9.74
N ILE A 305 -14.25 11.08 -10.28
CA ILE A 305 -15.51 11.83 -10.19
C ILE A 305 -16.05 11.82 -8.75
N LEU A 306 -16.00 10.66 -8.08
CA LEU A 306 -16.51 10.59 -6.71
C LEU A 306 -15.72 11.53 -5.80
N LEU A 307 -14.39 11.48 -5.89
CA LEU A 307 -13.55 12.40 -5.14
C LEU A 307 -13.96 13.85 -5.41
N GLU A 308 -14.05 14.23 -6.69
CA GLU A 308 -14.23 15.63 -7.03
C GLU A 308 -15.56 16.17 -6.55
N LEU A 309 -16.61 15.34 -6.52
CA LEU A 309 -17.95 15.76 -6.16
C LEU A 309 -18.33 15.35 -4.73
N GLY A 310 -17.35 15.05 -3.89
CA GLY A 310 -17.56 14.87 -2.47
C GLY A 310 -18.22 13.58 -2.06
N GLN A 311 -18.19 12.56 -2.93
CA GLN A 311 -18.89 11.31 -2.66
C GLN A 311 -17.94 10.31 -2.04
N PHE A 312 -17.71 10.46 -0.74
CA PHE A 312 -16.83 9.56 0.00
C PHE A 312 -17.09 9.69 1.50
N LYS A 313 -16.60 8.70 2.25
CA LYS A 313 -16.75 8.70 3.70
C LYS A 313 -16.13 9.95 4.30
N LYS A 314 -16.91 10.68 5.10
CA LYS A 314 -16.45 11.89 5.77
C LYS A 314 -15.80 11.50 7.09
N THR A 315 -14.51 11.77 7.23
CA THR A 315 -13.72 11.35 8.38
C THR A 315 -12.33 11.97 8.21
N GLN A 316 -11.49 11.78 9.22
CA GLN A 316 -10.14 12.33 9.19
C GLN A 316 -9.23 11.41 8.39
N ILE A 317 -8.24 12.01 7.74
CA ILE A 317 -7.21 11.25 7.04
C ILE A 317 -5.84 11.77 7.47
N LEU A 318 -4.87 10.87 7.41
CA LEU A 318 -3.46 11.17 7.61
C LEU A 318 -2.75 10.65 6.38
N VAL A 319 -2.13 11.54 5.62
CA VAL A 319 -1.54 11.20 4.34
C VAL A 319 -0.08 11.65 4.36
N GLY A 320 0.77 10.93 3.62
CA GLY A 320 2.16 11.36 3.51
C GLY A 320 2.90 10.61 2.44
N VAL A 321 4.14 11.07 2.22
CA VAL A 321 5.03 10.53 1.20
C VAL A 321 6.46 10.63 1.71
N ASN A 322 7.35 9.91 1.04
CA ASN A 322 8.77 9.90 1.33
C ASN A 322 9.52 10.80 0.36
N LYS A 323 10.67 11.29 0.81
CA LYS A 323 11.43 12.30 0.07
C LYS A 323 11.92 11.75 -1.27
N ASP A 324 12.28 10.47 -1.32
CA ASP A 324 12.78 9.89 -2.57
C ASP A 324 11.92 8.72 -3.02
N GLU A 325 10.61 8.96 -3.17
CA GLU A 325 9.70 7.90 -3.63
C GLU A 325 10.20 7.20 -4.89
N GLY A 326 10.77 7.95 -5.83
CA GLY A 326 11.01 7.40 -7.15
C GLY A 326 12.30 6.62 -7.37
N THR A 327 13.29 6.67 -6.47
CA THR A 327 14.60 6.11 -6.81
C THR A 327 14.55 4.58 -6.95
N ALA A 328 13.69 3.91 -6.19
CA ALA A 328 13.65 2.45 -6.17
C ALA A 328 13.42 1.87 -7.56
N PHE A 329 12.61 2.55 -8.36
CA PHE A 329 12.21 1.96 -9.63
C PHE A 329 13.24 2.20 -10.72
N LEU A 330 14.17 3.13 -10.49
CA LEU A 330 15.16 3.45 -11.52
C LEU A 330 16.09 2.28 -11.79
N VAL A 331 16.36 1.45 -10.80
CA VAL A 331 17.33 0.36 -10.98
C VAL A 331 16.60 -0.88 -11.51
N TYR A 332 15.34 -0.72 -11.91
CA TYR A 332 14.59 -1.83 -12.49
C TYR A 332 14.36 -1.65 -13.98
N GLY A 333 15.22 -0.90 -14.66
CA GLY A 333 15.08 -0.74 -16.10
C GLY A 333 15.77 0.46 -16.70
N ALA A 334 15.86 1.55 -15.95
CA ALA A 334 16.39 2.80 -16.48
C ALA A 334 17.89 2.65 -16.79
N PRO A 335 18.33 3.06 -17.98
CA PRO A 335 19.72 2.80 -18.36
C PRO A 335 20.71 3.70 -17.61
N GLY A 336 21.88 3.14 -17.31
CA GLY A 336 22.91 3.83 -16.57
C GLY A 336 22.79 3.75 -15.06
N PHE A 337 21.68 3.21 -14.54
CA PHE A 337 21.50 3.08 -13.10
C PHE A 337 21.97 1.72 -12.58
N SER A 338 22.54 1.72 -11.38
CA SER A 338 22.91 0.49 -10.70
C SER A 338 22.79 0.71 -9.21
N LYS A 339 22.36 -0.33 -8.49
CA LYS A 339 22.47 -0.21 -7.05
C LYS A 339 23.92 -0.31 -6.56
N ASP A 340 24.87 -0.61 -7.46
CA ASP A 340 26.26 -0.89 -7.08
C ASP A 340 27.25 0.19 -7.52
N ASN A 341 26.76 1.30 -8.08
CA ASN A 341 27.60 2.44 -8.40
C ASN A 341 26.76 3.69 -8.24
N ASN A 342 27.37 4.86 -8.38
CA ASN A 342 26.67 6.11 -8.11
C ASN A 342 25.64 6.49 -9.18
N SER A 343 25.62 5.81 -10.33
CA SER A 343 24.55 5.97 -11.33
C SER A 343 24.49 7.39 -11.90
N ILE A 344 25.65 8.05 -12.01
CA ILE A 344 25.71 9.31 -12.74
C ILE A 344 25.29 9.05 -14.17
N ILE A 345 24.22 9.67 -14.62
CA ILE A 345 23.76 9.47 -15.99
C ILE A 345 23.89 10.77 -16.77
N THR A 346 23.95 10.62 -18.10
CA THR A 346 24.05 11.72 -19.03
C THR A 346 22.66 12.24 -19.42
N ARG A 347 22.65 13.38 -20.14
CA ARG A 347 21.39 13.88 -20.68
C ARG A 347 20.72 12.86 -21.59
N LYS A 348 21.51 12.20 -22.44
CA LYS A 348 20.97 11.19 -23.34
C LYS A 348 20.42 10.00 -22.56
N GLU A 349 21.06 9.63 -21.44
CA GLU A 349 20.54 8.54 -20.63
C GLU A 349 19.24 8.93 -19.94
N PHE A 350 19.14 10.18 -19.49
CA PHE A 350 17.90 10.64 -18.89
C PHE A 350 16.76 10.61 -19.91
N GLN A 351 17.02 11.06 -21.14
CA GLN A 351 15.99 11.00 -22.18
C GLN A 351 15.53 9.57 -22.43
N GLU A 352 16.48 8.61 -22.48
CA GLU A 352 16.13 7.21 -22.63
C GLU A 352 15.38 6.69 -21.42
N GLY A 353 15.68 7.22 -20.23
CA GLY A 353 14.94 6.86 -19.04
C GLY A 353 13.47 7.24 -19.13
N LEU A 354 13.17 8.44 -19.65
CA LEU A 354 11.77 8.83 -19.78
C LEU A 354 11.04 7.88 -20.72
N LYS A 355 11.73 7.37 -21.74
CA LYS A 355 11.10 6.46 -22.68
C LYS A 355 10.73 5.14 -22.00
N ILE A 356 11.59 4.67 -21.09
CA ILE A 356 11.27 3.51 -20.26
C ILE A 356 10.05 3.78 -19.39
N PHE A 357 10.01 4.93 -18.73
CA PHE A 357 8.94 5.18 -17.76
C PHE A 357 7.69 5.80 -18.38
N PHE A 358 7.74 6.34 -19.59
CA PHE A 358 6.54 6.90 -20.22
C PHE A 358 6.41 6.38 -21.66
N PRO A 359 6.29 5.06 -21.83
CA PRO A 359 6.38 4.48 -23.19
C PRO A 359 5.31 4.97 -24.15
N GLY A 360 4.05 5.00 -23.73
CA GLY A 360 3.00 5.40 -24.65
C GLY A 360 2.74 6.89 -24.73
N VAL A 361 3.73 7.71 -24.35
CA VAL A 361 3.57 9.17 -24.32
C VAL A 361 4.20 9.75 -25.58
N SER A 362 3.64 10.86 -26.06
CA SER A 362 4.15 11.50 -27.25
C SER A 362 5.55 12.04 -27.02
N GLU A 363 6.28 12.24 -28.12
CA GLU A 363 7.53 12.97 -28.05
C GLU A 363 7.35 14.29 -27.34
N PHE A 364 6.25 14.99 -27.65
CA PHE A 364 6.03 16.29 -27.02
C PHE A 364 5.78 16.14 -25.52
N GLY A 365 5.03 15.12 -25.12
CA GLY A 365 4.87 14.86 -23.70
C GLY A 365 6.20 14.61 -23.00
N LYS A 366 7.04 13.76 -23.59
CA LYS A 366 8.32 13.46 -22.96
C LYS A 366 9.23 14.68 -22.94
N GLU A 367 9.23 15.49 -24.01
CA GLU A 367 10.01 16.72 -24.00
C GLU A 367 9.53 17.65 -22.90
N SER A 368 8.23 17.67 -22.64
CA SER A 368 7.69 18.57 -21.63
C SER A 368 8.19 18.19 -20.24
N ILE A 369 8.32 16.88 -19.98
CA ILE A 369 8.94 16.45 -18.73
C ILE A 369 10.38 16.94 -18.67
N LEU A 370 11.12 16.77 -19.76
CA LEU A 370 12.52 17.16 -19.73
C LEU A 370 12.66 18.66 -19.50
N PHE A 371 11.74 19.44 -20.06
CA PHE A 371 11.84 20.89 -19.96
C PHE A 371 11.62 21.36 -18.53
N HIS A 372 10.66 20.77 -17.84
CA HIS A 372 10.32 21.19 -16.49
CA HIS A 372 10.38 21.27 -16.51
C HIS A 372 11.35 20.72 -15.45
N TYR A 373 12.09 19.66 -15.74
CA TYR A 373 12.99 19.09 -14.75
C TYR A 373 14.48 19.29 -15.05
N THR A 374 14.84 20.08 -16.07
CA THR A 374 16.26 20.22 -16.37
C THR A 374 16.70 21.68 -16.46
N ASP A 375 15.99 22.57 -15.79
CA ASP A 375 16.46 23.93 -15.58
C ASP A 375 17.31 23.95 -14.30
N TRP A 376 18.63 23.90 -14.46
CA TRP A 376 19.53 23.57 -13.36
C TRP A 376 19.94 24.79 -12.55
N VAL A 377 20.02 24.59 -11.22
CA VAL A 377 20.70 25.55 -10.36
C VAL A 377 22.20 25.53 -10.59
N ASP A 378 22.71 24.47 -11.23
CA ASP A 378 24.11 24.37 -11.62
C ASP A 378 24.27 23.26 -12.66
N ASP A 379 24.33 23.63 -13.94
CA ASP A 379 24.46 22.64 -15.01
C ASP A 379 25.78 21.86 -14.94
N GLN A 380 26.69 22.24 -14.05
CA GLN A 380 27.95 21.54 -13.87
C GLN A 380 27.89 20.49 -12.76
N ARG A 381 26.74 20.31 -12.11
CA ARG A 381 26.60 19.25 -11.11
C ARG A 381 26.42 17.90 -11.81
N PRO A 382 27.34 16.94 -11.62
CA PRO A 382 27.28 15.69 -12.39
C PRO A 382 26.08 14.80 -12.10
N GLU A 383 25.40 14.98 -10.97
CA GLU A 383 24.27 14.13 -10.62
C GLU A 383 22.93 14.78 -10.93
N ASN A 384 22.94 15.87 -11.70
CA ASN A 384 21.70 16.59 -12.04
C ASN A 384 20.67 15.67 -12.67
N TYR A 385 21.07 14.90 -13.69
CA TYR A 385 20.13 14.04 -14.42
C TYR A 385 19.73 12.82 -13.60
N ARG A 386 20.66 12.27 -12.80
CA ARG A 386 20.31 11.15 -11.94
C ARG A 386 19.17 11.52 -11.00
N GLU A 387 19.28 12.67 -10.33
CA GLU A 387 18.25 13.04 -9.37
C GLU A 387 17.01 13.55 -10.05
N ALA A 388 17.15 14.12 -11.26
CA ALA A 388 15.98 14.58 -11.99
C ALA A 388 15.05 13.41 -12.32
N LEU A 389 15.61 12.30 -12.81
CA LEU A 389 14.76 11.17 -13.16
C LEU A 389 14.11 10.56 -11.92
N GLY A 390 14.86 10.46 -10.82
CA GLY A 390 14.26 10.05 -9.56
C GLY A 390 13.06 10.89 -9.19
N ASP A 391 13.23 12.22 -9.20
CA ASP A 391 12.14 13.12 -8.84
C ASP A 391 10.99 13.05 -9.84
N VAL A 392 11.29 12.84 -11.12
CA VAL A 392 10.23 12.69 -12.12
C VAL A 392 9.33 11.52 -11.76
N VAL A 393 9.93 10.35 -11.50
CA VAL A 393 9.14 9.16 -11.18
C VAL A 393 8.42 9.32 -9.84
N GLY A 394 9.11 9.91 -8.85
CA GLY A 394 8.48 10.14 -7.56
C GLY A 394 7.32 11.11 -7.63
N ASP A 395 7.55 12.27 -8.27
CA ASP A 395 6.53 13.32 -8.26
C ASP A 395 5.28 12.89 -9.03
N TYR A 396 5.47 12.14 -10.10
CA TYR A 396 4.33 11.74 -10.93
C TYR A 396 3.57 10.59 -10.30
N ASN A 397 4.28 9.62 -9.73
CA ASN A 397 3.63 8.38 -9.33
C ASN A 397 3.12 8.40 -7.89
N PHE A 398 3.68 9.26 -7.03
CA PHE A 398 3.31 9.19 -5.61
C PHE A 398 3.02 10.56 -5.01
N ILE A 399 3.99 11.49 -5.08
CA ILE A 399 3.89 12.70 -4.27
C ILE A 399 2.75 13.58 -4.74
N CYS A 400 2.69 13.90 -6.04
CA CYS A 400 1.66 14.81 -6.50
C CYS A 400 0.25 14.22 -6.42
N PRO A 401 0.04 12.93 -6.76
CA PRO A 401 -1.30 12.37 -6.53
C PRO A 401 -1.71 12.41 -5.06
N ALA A 402 -0.78 12.13 -4.15
CA ALA A 402 -1.10 12.17 -2.71
C ALA A 402 -1.49 13.58 -2.28
N LEU A 403 -0.72 14.59 -2.70
CA LEU A 403 -1.09 15.97 -2.39
C LEU A 403 -2.46 16.30 -2.96
N GLU A 404 -2.76 15.82 -4.17
CA GLU A 404 -4.02 16.21 -4.81
C GLU A 404 -5.19 15.50 -4.15
N PHE A 405 -4.99 14.25 -3.74
CA PHE A 405 -5.99 13.57 -2.93
C PHE A 405 -6.29 14.36 -1.66
N THR A 406 -5.24 14.77 -0.95
CA THR A 406 -5.42 15.48 0.31
C THR A 406 -6.13 16.82 0.11
N LYS A 407 -5.78 17.57 -0.94
CA LYS A 407 -6.49 18.82 -1.22
C LYS A 407 -7.97 18.55 -1.46
N LYS A 408 -8.27 17.56 -2.30
CA LYS A 408 -9.65 17.33 -2.72
C LYS A 408 -10.49 16.76 -1.59
N PHE A 409 -9.89 15.95 -0.73
CA PHE A 409 -10.62 15.39 0.40
C PHE A 409 -10.88 16.44 1.47
N SER A 410 -9.89 17.29 1.74
CA SER A 410 -10.04 18.31 2.77
C SER A 410 -11.04 19.38 2.35
N GLU A 411 -11.23 19.58 1.03
CA GLU A 411 -12.13 20.63 0.57
C GLU A 411 -13.56 20.42 1.03
N TRP A 412 -13.91 19.20 1.43
CA TRP A 412 -15.25 18.87 1.88
C TRP A 412 -15.37 18.89 3.39
N GLY A 413 -14.43 19.53 4.09
CA GLY A 413 -14.63 19.89 5.48
C GLY A 413 -13.94 19.00 6.49
N ASN A 414 -13.36 17.88 6.07
CA ASN A 414 -12.72 16.96 6.99
C ASN A 414 -11.30 17.41 7.33
N ASN A 415 -10.91 17.17 8.57
CA ASN A 415 -9.52 17.35 8.97
C ASN A 415 -8.58 16.38 8.25
N ALA A 416 -7.46 16.90 7.80
CA ALA A 416 -6.44 16.15 7.09
C ALA A 416 -5.07 16.50 7.64
N PHE A 417 -4.15 15.54 7.61
CA PHE A 417 -2.81 15.78 8.11
C PHE A 417 -1.81 15.18 7.13
N PHE A 418 -0.85 15.99 6.70
CA PHE A 418 0.11 15.56 5.69
C PHE A 418 1.53 15.60 6.26
N TYR A 419 2.30 14.56 5.93
CA TYR A 419 3.69 14.45 6.39
C TYR A 419 4.61 14.22 5.20
N TYR A 420 5.86 14.59 5.41
CA TYR A 420 6.96 14.43 4.46
C TYR A 420 8.07 13.73 5.23
N PHE A 421 8.21 12.41 5.01
CA PHE A 421 9.21 11.59 5.67
C PHE A 421 10.57 11.76 4.97
N GLU A 422 11.58 12.27 5.70
CA GLU A 422 12.84 12.57 5.05
C GLU A 422 14.04 12.00 5.80
N HIS A 423 13.85 10.91 6.52
CA HIS A 423 14.93 10.23 7.21
C HIS A 423 15.30 8.95 6.49
N ARG A 424 16.59 8.77 6.23
CA ARG A 424 17.10 7.58 5.57
C ARG A 424 17.60 6.59 6.61
N SER A 425 17.00 5.39 6.63
CA SER A 425 17.29 4.39 7.65
C SER A 425 18.79 4.12 7.72
N SER A 426 19.33 4.09 8.94
CA SER A 426 20.75 3.80 9.09
C SER A 426 21.10 2.37 8.72
N LYS A 427 20.11 1.49 8.60
CA LYS A 427 20.36 0.11 8.19
C LYS A 427 19.96 -0.16 6.75
N LEU A 428 19.51 0.86 6.00
CA LEU A 428 19.03 0.68 4.63
C LEU A 428 20.08 -0.03 3.77
N PRO A 429 19.73 -1.16 3.13
CA PRO A 429 20.74 -1.87 2.32
C PRO A 429 21.01 -1.23 0.97
N TRP A 430 20.12 -0.42 0.41
CA TRP A 430 20.35 0.21 -0.89
C TRP A 430 21.39 1.33 -0.77
N PRO A 431 21.99 1.76 -1.88
CA PRO A 431 23.07 2.76 -1.80
C PRO A 431 22.53 4.16 -1.55
N GLU A 432 23.44 5.06 -1.19
CA GLU A 432 23.05 6.37 -0.66
C GLU A 432 22.37 7.26 -1.69
N TRP A 433 22.77 7.20 -2.97
CA TRP A 433 22.13 8.08 -3.96
C TRP A 433 20.63 7.82 -4.03
N MET A 434 20.17 6.64 -3.63
CA MET A 434 18.75 6.36 -3.62
C MET A 434 17.99 7.05 -2.48
N GLY A 435 18.69 7.59 -1.49
CA GLY A 435 18.06 8.49 -0.52
C GLY A 435 16.99 7.82 0.34
N VAL A 436 15.87 8.54 0.52
CA VAL A 436 14.79 8.14 1.44
C VAL A 436 13.76 7.39 0.60
N MET A 437 13.93 6.07 0.52
CA MET A 437 13.28 5.31 -0.53
C MET A 437 11.82 5.03 -0.21
N HIS A 438 11.05 4.87 -1.28
CA HIS A 438 9.74 4.21 -1.24
C HIS A 438 9.74 2.98 -0.35
N GLY A 439 8.86 2.99 0.65
CA GLY A 439 8.61 1.84 1.48
C GLY A 439 9.43 1.76 2.75
N TYR A 440 10.31 2.73 3.01
CA TYR A 440 11.25 2.60 4.11
C TYR A 440 10.92 3.52 5.28
N GLU A 441 9.69 4.04 5.32
CA GLU A 441 9.12 4.57 6.55
C GLU A 441 8.35 3.50 7.32
N ILE A 442 8.04 2.37 6.66
CA ILE A 442 7.18 1.34 7.26
C ILE A 442 7.78 0.82 8.56
N GLU A 443 9.06 0.46 8.53
CA GLU A 443 9.69 -0.05 9.73
C GLU A 443 9.66 0.96 10.86
N PHE A 444 9.58 2.25 10.55
CA PHE A 444 9.47 3.21 11.63
C PHE A 444 8.05 3.24 12.18
N VAL A 445 7.07 3.20 11.28
CA VAL A 445 5.66 3.18 11.68
C VAL A 445 5.36 1.97 12.57
N PHE A 446 5.99 0.83 12.28
CA PHE A 446 5.79 -0.39 13.05
C PHE A 446 6.72 -0.50 14.25
N GLY A 447 7.57 0.51 14.45
CA GLY A 447 8.35 0.58 15.66
C GLY A 447 9.44 -0.46 15.81
N LEU A 448 9.97 -0.97 14.69
CA LEU A 448 11.14 -1.84 14.75
C LEU A 448 12.36 -1.18 15.38
N PRO A 449 12.66 0.11 15.14
CA PRO A 449 13.78 0.74 15.86
C PRO A 449 13.55 0.88 17.34
N LEU A 450 12.40 0.51 17.89
CA LEU A 450 12.29 0.47 19.33
C LEU A 450 13.01 -0.73 19.91
N GLU A 451 13.31 -1.73 19.08
CA GLU A 451 14.13 -2.86 19.51
C GLU A 451 15.59 -2.41 19.57
N ARG A 452 16.12 -2.31 20.80
CA ARG A 452 17.50 -1.88 20.98
C ARG A 452 18.49 -2.88 20.41
N ARG A 453 18.09 -4.16 20.32
CA ARG A 453 19.00 -5.19 19.82
C ARG A 453 19.27 -5.07 18.31
N ASP A 454 18.50 -4.27 17.57
CA ASP A 454 18.50 -4.34 16.12
C ASP A 454 19.37 -3.29 15.45
N GLN A 455 20.23 -2.60 16.20
CA GLN A 455 21.31 -1.79 15.63
C GLN A 455 20.83 -0.53 14.91
N TYR A 456 19.67 0.01 15.28
CA TYR A 456 19.34 1.37 14.86
C TYR A 456 20.02 2.38 15.78
N THR A 457 20.07 3.65 15.37
CA THR A 457 20.65 4.64 16.26
C THR A 457 19.64 5.08 17.31
N LYS A 458 20.14 5.67 18.39
CA LYS A 458 19.26 6.21 19.43
C LYS A 458 18.31 7.26 18.86
N ALA A 459 18.76 8.04 17.88
CA ALA A 459 17.91 9.06 17.29
C ALA A 459 16.84 8.42 16.43
N GLU A 460 17.10 7.22 15.92
CA GLU A 460 16.07 6.49 15.19
C GLU A 460 15.05 5.88 16.14
N GLU A 461 15.47 5.49 17.34
CA GLU A 461 14.51 5.06 18.34
C GLU A 461 13.57 6.21 18.71
N ILE A 462 14.14 7.40 18.93
CA ILE A 462 13.32 8.54 19.32
C ILE A 462 12.32 8.88 18.22
N LEU A 463 12.77 8.88 16.96
CA LEU A 463 11.89 9.20 15.84
C LEU A 463 10.79 8.16 15.69
N SER A 464 11.14 6.88 15.75
CA SER A 464 10.11 5.86 15.62
C SER A 464 9.13 5.95 16.78
N ARG A 465 9.64 6.18 17.98
CA ARG A 465 8.78 6.34 19.14
C ARG A 465 7.77 7.45 18.90
N SER A 466 8.22 8.59 18.38
N SER A 466 8.23 8.60 18.39
CA SER A 466 7.34 9.73 18.21
CA SER A 466 7.34 9.74 18.21
C SER A 466 6.34 9.49 17.07
C SER A 466 6.34 9.47 17.08
N ILE A 467 6.77 8.81 16.01
CA ILE A 467 5.84 8.48 14.91
C ILE A 467 4.78 7.52 15.42
N VAL A 468 5.20 6.53 16.22
CA VAL A 468 4.27 5.52 16.71
C VAL A 468 3.20 6.15 17.59
N LYS A 469 3.60 7.09 18.46
CA LYS A 469 2.61 7.82 19.24
C LYS A 469 1.68 8.66 18.36
N ARG A 470 2.23 9.34 17.34
CA ARG A 470 1.39 10.15 16.47
C ARG A 470 0.39 9.30 15.68
N TRP A 471 0.83 8.15 15.18
CA TRP A 471 -0.10 7.28 14.46
C TRP A 471 -1.19 6.76 15.39
N ALA A 472 -0.83 6.44 16.64
CA ALA A 472 -1.79 5.87 17.56
C ALA A 472 -2.77 6.93 18.05
N ASN A 473 -2.29 8.15 18.30
CA ASN A 473 -3.20 9.21 18.69
C ASN A 473 -4.15 9.54 17.54
N PHE A 474 -3.65 9.54 16.31
CA PHE A 474 -4.54 9.70 15.17
C PHE A 474 -5.61 8.62 15.17
N ALA A 475 -5.21 7.36 15.34
CA ALA A 475 -6.19 6.27 15.35
C ALA A 475 -7.21 6.47 16.46
N LYS A 476 -6.75 6.72 17.70
CA LYS A 476 -7.67 6.74 18.83
C LYS A 476 -8.54 8.00 18.85
N TYR A 477 -7.96 9.14 18.44
CA TYR A 477 -8.56 10.44 18.70
C TYR A 477 -8.65 11.33 17.47
N GLY A 478 -8.19 10.87 16.31
CA GLY A 478 -8.24 11.68 15.11
C GLY A 478 -7.29 12.84 15.06
N ASN A 479 -6.25 12.85 15.90
CA ASN A 479 -5.39 14.01 15.99
C ASN A 479 -3.95 13.53 16.18
N PRO A 480 -3.06 13.58 15.14
CA PRO A 480 -1.75 12.92 15.24
C PRO A 480 -0.69 13.73 15.97
N GLN A 481 -1.02 14.19 17.18
CA GLN A 481 -0.10 14.94 18.02
C GLN A 481 0.69 14.00 18.92
N GLU A 482 1.88 14.48 19.33
CA GLU A 482 2.62 13.94 20.48
C GLU A 482 2.62 15.05 21.51
N THR A 483 1.85 14.89 22.56
CA THR A 483 1.55 16.02 23.45
C THR A 483 2.46 16.12 24.67
N GLN A 484 3.25 15.11 24.97
CA GLN A 484 3.96 15.14 26.24
C GLN A 484 5.38 15.68 26.14
N ASN A 485 6.03 15.49 25.00
CA ASN A 485 7.46 15.75 24.91
C ASN A 485 7.78 16.97 24.04
N GLN A 486 7.18 18.12 24.37
CA GLN A 486 7.24 19.38 23.63
C GLN A 486 7.06 19.29 22.11
N SER A 487 6.65 18.15 21.56
CA SER A 487 6.72 17.93 20.11
C SER A 487 6.03 19.04 19.34
N THR A 488 6.53 19.28 18.12
CA THR A 488 5.88 20.21 17.19
C THR A 488 4.45 19.79 16.97
N SER A 489 3.52 20.76 17.06
CA SER A 489 2.14 20.47 16.74
C SER A 489 1.96 20.25 15.24
N TRP A 490 1.19 19.23 14.89
CA TRP A 490 0.89 18.91 13.51
C TRP A 490 -0.38 19.64 13.08
N PRO A 491 -0.30 20.67 12.25
CA PRO A 491 -1.50 21.41 11.85
C PRO A 491 -2.31 20.65 10.81
N VAL A 492 -3.57 21.04 10.64
CA VAL A 492 -4.38 20.43 9.59
C VAL A 492 -3.96 20.98 8.24
N PHE A 493 -4.07 20.12 7.22
CA PHE A 493 -3.82 20.48 5.83
C PHE A 493 -5.10 21.04 5.23
N LYS A 494 -5.10 22.34 4.94
CA LYS A 494 -6.19 22.99 4.20
C LYS A 494 -5.71 23.32 2.80
N SER A 495 -6.65 23.41 1.85
CA SER A 495 -6.26 23.59 0.46
C SER A 495 -5.67 24.98 0.19
N THR A 496 -6.00 25.97 1.02
CA THR A 496 -5.39 27.29 0.94
C THR A 496 -3.90 27.25 1.31
N GLU A 497 -3.61 27.05 2.59
CA GLU A 497 -2.24 27.17 3.09
C GLU A 497 -1.38 25.92 2.92
N GLN A 498 -1.99 24.73 2.90
CA GLN A 498 -1.27 23.49 2.55
C GLN A 498 -0.06 23.26 3.45
N LYS A 499 -0.29 23.30 4.76
CA LYS A 499 0.79 23.01 5.71
C LYS A 499 0.96 21.51 5.86
N TYR A 500 2.23 21.08 5.93
CA TYR A 500 2.58 19.69 6.20
C TYR A 500 3.71 19.68 7.22
N LEU A 501 3.97 18.49 7.76
CA LEU A 501 4.95 18.30 8.82
C LEU A 501 6.09 17.42 8.30
N THR A 502 7.32 17.81 8.57
CA THR A 502 8.47 17.01 8.17
C THR A 502 8.86 16.06 9.30
N LEU A 503 9.15 14.81 8.95
CA LEU A 503 9.56 13.77 9.89
C LEU A 503 11.03 13.45 9.65
N ASN A 504 11.85 13.56 10.69
CA ASN A 504 13.27 13.31 10.59
C ASN A 504 13.83 13.21 12.00
N THR A 505 15.10 12.83 12.11
CA THR A 505 15.69 12.67 13.44
C THR A 505 16.11 14.01 14.02
N GLU A 506 16.40 14.99 13.17
CA GLU A 506 16.89 16.28 13.63
C GLU A 506 15.75 17.20 14.02
N SER A 507 15.25 17.97 13.06
CA SER A 507 14.29 19.05 13.30
C SER A 507 12.96 18.71 12.65
N THR A 508 11.91 18.64 13.45
CA THR A 508 10.56 18.43 12.96
C THR A 508 9.91 19.79 12.70
N ARG A 509 9.48 20.03 11.44
CA ARG A 509 9.16 21.37 10.98
C ARG A 509 7.83 21.47 10.24
N ILE A 510 7.21 22.64 10.34
CA ILE A 510 6.02 22.95 9.57
C ILE A 510 6.46 23.69 8.32
N MET A 511 6.09 23.15 7.16
CA MET A 511 6.35 23.78 5.87
CA MET A 511 6.36 23.76 5.87
C MET A 511 5.04 23.90 5.11
N THR A 512 5.07 24.61 3.99
CA THR A 512 3.88 24.82 3.17
C THR A 512 4.13 24.47 1.71
N LYS A 513 3.10 23.90 1.07
CA LYS A 513 3.01 23.80 -0.39
C LYS A 513 4.14 22.94 -0.96
N LEU A 514 4.17 21.68 -0.50
CA LEU A 514 5.15 20.71 -0.96
C LEU A 514 5.11 20.55 -2.49
N ARG A 515 6.29 20.56 -3.12
CA ARG A 515 6.44 20.29 -4.54
C ARG A 515 5.51 21.15 -5.40
N ALA A 516 5.32 22.42 -5.02
CA ALA A 516 4.29 23.24 -5.65
C ALA A 516 4.48 23.31 -7.17
N GLN A 517 5.66 23.74 -7.63
CA GLN A 517 5.87 23.88 -9.07
C GLN A 517 5.80 22.53 -9.78
N GLN A 518 6.44 21.51 -9.21
CA GLN A 518 6.43 20.19 -9.84
C GLN A 518 5.00 19.67 -10.00
N CYS A 519 4.13 19.91 -9.02
CA CYS A 519 2.81 19.29 -9.07
C CYS A 519 1.84 20.05 -9.95
N ARG A 520 2.03 21.38 -10.09
CA ARG A 520 1.24 22.11 -11.07
C ARG A 520 1.48 21.58 -12.47
N PHE A 521 2.69 21.08 -12.73
CA PHE A 521 2.96 20.45 -14.02
C PHE A 521 2.22 19.13 -14.14
N TRP A 522 2.40 18.23 -13.17
CA TRP A 522 1.83 16.89 -13.28
C TRP A 522 0.30 16.90 -13.22
N THR A 523 -0.30 17.79 -12.44
CA THR A 523 -1.74 17.74 -12.19
C THR A 523 -2.55 18.56 -13.19
N SER A 524 -1.97 19.60 -13.77
CA SER A 524 -2.71 20.54 -14.60
C SER A 524 -2.16 20.73 -16.01
N PHE A 525 -1.02 20.14 -16.37
CA PHE A 525 -0.53 20.12 -17.73
C PHE A 525 -0.45 18.68 -18.23
N PHE A 526 0.34 17.84 -17.57
CA PHE A 526 0.59 16.50 -18.08
C PHE A 526 -0.67 15.66 -18.36
N PRO A 527 -1.76 15.75 -17.60
CA PRO A 527 -2.97 15.01 -17.99
C PRO A 527 -3.49 15.38 -19.36
N LYS A 528 -3.09 16.53 -19.90
CA LYS A 528 -3.59 16.92 -21.22
C LYS A 528 -2.78 16.28 -22.34
N VAL A 529 -1.49 15.98 -22.12
CA VAL A 529 -0.65 15.50 -23.21
C VAL A 529 -1.09 14.11 -23.69
#